data_5E6O
#
_entry.id   5E6O
#
_cell.length_a   49.933
_cell.length_b   62.351
_cell.length_c   67.599
_cell.angle_alpha   90.000
_cell.angle_beta   109.540
_cell.angle_gamma   90.000
#
_symmetry.space_group_name_H-M   'P 1 21 1'
#
loop_
_entity.id
_entity.type
_entity.pdbx_description
1 polymer 'Protein lgg-2'
2 polymer TRP-GLU-GLU-LEU
3 water water
#
loop_
_entity_poly.entity_id
_entity_poly.type
_entity_poly.pdbx_seq_one_letter_code
_entity_poly.pdbx_strand_id
1 'polypeptide(L)'
;GPGSFKERRPFHERQKDVEEIRSQQPNKVPVIIERFDGERSLPLMDRCKFLVPEHITVAELMSIVRRRLQLHPQQAFFLL
VNERSMVSNSMSMSNLYSQERDPDGFVYMVYTSQPAFG
;
A,B,C,D
2 'polypeptide(L)' WEEL E,F,G,H
#
# COMPACT_ATOMS: atom_id res chain seq x y z
N PRO A 2 14.13 -20.89 4.70
CA PRO A 2 14.21 -21.80 3.55
C PRO A 2 15.66 -21.96 3.07
N GLY A 3 15.96 -21.34 1.94
CA GLY A 3 17.35 -21.12 1.54
C GLY A 3 17.74 -19.67 1.82
N SER A 4 17.04 -19.05 2.76
CA SER A 4 17.29 -17.64 3.07
C SER A 4 18.66 -17.45 3.75
N PHE A 5 19.15 -16.22 3.73
CA PHE A 5 20.44 -15.91 4.36
C PHE A 5 20.53 -16.38 5.81
N LYS A 6 19.46 -16.17 6.59
CA LYS A 6 19.46 -16.55 8.00
C LYS A 6 19.55 -18.05 8.16
N GLU A 7 19.14 -18.79 7.15
CA GLU A 7 19.23 -20.24 7.18
C GLU A 7 20.61 -20.73 6.72
N ARG A 8 21.28 -19.93 5.89
CA ARG A 8 22.55 -20.33 5.32
C ARG A 8 23.69 -20.04 6.27
N ARG A 9 23.47 -19.13 7.20
CA ARG A 9 24.49 -18.66 8.13
C ARG A 9 23.84 -18.46 9.51
N PRO A 10 24.41 -19.08 10.55
CA PRO A 10 23.85 -19.00 11.90
C PRO A 10 24.11 -17.65 12.56
N PHE A 11 23.38 -17.37 13.64
CA PHE A 11 23.39 -16.05 14.26
C PHE A 11 24.78 -15.52 14.60
N HIS A 12 25.60 -16.29 15.30
CA HIS A 12 26.89 -15.76 15.72
C HIS A 12 27.79 -15.48 14.52
N GLU A 13 27.59 -16.22 13.44
CA GLU A 13 28.39 -15.98 12.24
C GLU A 13 27.97 -14.67 11.59
N ARG A 14 26.66 -14.40 11.61
CA ARG A 14 26.14 -13.15 11.04
C ARG A 14 26.62 -11.95 11.86
N GLN A 15 26.56 -12.08 13.18
CA GLN A 15 26.99 -11.01 14.07
C GLN A 15 28.48 -10.71 13.91
N LYS A 16 29.29 -11.75 13.79
CA LYS A 16 30.72 -11.55 13.58
C LYS A 16 31.01 -10.88 12.24
N ASP A 17 30.27 -11.25 11.20
CA ASP A 17 30.43 -10.65 9.88
C ASP A 17 30.15 -9.13 9.96
N VAL A 18 29.08 -8.75 10.64
CA VAL A 18 28.76 -7.32 10.81
C VAL A 18 29.83 -6.61 11.62
N GLU A 19 30.32 -7.25 12.67
CA GLU A 19 31.33 -6.65 13.50
C GLU A 19 32.61 -6.38 12.70
N GLU A 20 32.95 -7.31 11.85
CA GLU A 20 34.11 -7.14 11.01
C GLU A 20 33.93 -6.04 10.00
N ILE A 21 32.81 -6.00 9.34
CA ILE A 21 32.66 -4.99 8.30
C ILE A 21 32.52 -3.58 8.90
N ARG A 22 31.91 -3.49 10.08
CA ARG A 22 31.75 -2.19 10.73
C ARG A 22 33.11 -1.63 11.12
N SER A 23 34.04 -2.50 11.46
CA SER A 23 35.37 -2.07 11.87
C SER A 23 36.17 -1.53 10.68
N GLN A 24 35.68 -1.81 9.48
CA GLN A 24 36.41 -1.48 8.26
C GLN A 24 35.72 -0.34 7.49
N GLN A 25 34.40 -0.31 7.54
CA GLN A 25 33.62 0.57 6.68
C GLN A 25 32.63 1.43 7.45
N PRO A 26 33.09 2.57 7.96
CA PRO A 26 32.20 3.50 8.64
C PRO A 26 31.18 4.12 7.68
N ASN A 27 30.09 4.61 8.26
CA ASN A 27 29.07 5.34 7.50
C ASN A 27 28.45 4.49 6.39
N LYS A 28 28.56 3.16 6.51
CA LYS A 28 27.80 2.24 5.67
C LYS A 28 26.93 1.30 6.53
N VAL A 29 25.70 1.04 6.07
CA VAL A 29 24.78 0.17 6.79
C VAL A 29 24.72 -1.21 6.12
N PRO A 30 24.90 -2.29 6.89
CA PRO A 30 24.82 -3.64 6.34
C PRO A 30 23.37 -4.09 6.18
N VAL A 31 23.01 -4.47 4.96
CA VAL A 31 21.63 -4.74 4.62
C VAL A 31 21.56 -6.03 3.83
N ILE A 32 20.66 -6.92 4.25
CA ILE A 32 20.36 -8.13 3.50
C ILE A 32 19.14 -7.83 2.63
N ILE A 33 19.28 -8.04 1.32
CA ILE A 33 18.18 -7.80 0.40
C ILE A 33 17.87 -9.10 -0.34
N GLU A 34 16.66 -9.62 -0.14
CA GLU A 34 16.28 -10.89 -0.75
C GLU A 34 14.92 -10.78 -1.43
N ARG A 35 14.68 -11.64 -2.41
CA ARG A 35 13.36 -11.70 -3.02
C ARG A 35 12.39 -12.37 -2.05
N PHE A 36 11.21 -11.79 -1.89
CA PHE A 36 10.21 -12.34 -0.99
C PHE A 36 9.91 -13.78 -1.39
N ASP A 37 9.79 -14.66 -0.39
CA ASP A 37 9.50 -16.07 -0.65
C ASP A 37 8.30 -16.26 -1.57
N GLY A 38 8.48 -17.05 -2.62
CA GLY A 38 7.38 -17.32 -3.54
C GLY A 38 7.08 -16.27 -4.59
N GLU A 39 7.87 -15.20 -4.63
CA GLU A 39 7.71 -14.18 -5.66
C GLU A 39 8.08 -14.77 -7.02
N ARG A 40 7.23 -14.57 -8.02
CA ARG A 40 7.49 -15.16 -9.33
C ARG A 40 7.57 -14.16 -10.49
N SER A 41 7.49 -12.86 -10.23
CA SER A 41 7.53 -11.92 -11.37
C SER A 41 8.66 -10.91 -11.29
N LEU A 42 9.54 -11.08 -10.31
CA LEU A 42 10.76 -10.27 -10.21
C LEU A 42 11.97 -11.21 -10.21
N PRO A 43 13.09 -10.75 -10.77
CA PRO A 43 14.28 -11.61 -10.85
C PRO A 43 15.02 -11.72 -9.54
N LEU A 44 15.99 -12.62 -9.47
CA LEU A 44 16.88 -12.74 -8.33
C LEU A 44 18.09 -11.84 -8.54
N MET A 45 18.72 -11.43 -7.44
CA MET A 45 20.07 -10.89 -7.52
C MET A 45 21.04 -11.99 -7.09
N ASP A 46 22.26 -11.96 -7.62
CA ASP A 46 23.26 -12.96 -7.27
C ASP A 46 23.73 -12.80 -5.83
N ARG A 47 23.79 -11.55 -5.39
CA ARG A 47 24.21 -11.19 -4.04
C ARG A 47 23.00 -10.83 -3.17
N CYS A 48 23.08 -11.12 -1.87
CA CYS A 48 22.07 -10.63 -0.93
C CYS A 48 22.66 -9.75 0.17
N LYS A 49 23.98 -9.78 0.33
CA LYS A 49 24.67 -8.93 1.33
C LYS A 49 25.11 -7.57 0.77
N PHE A 50 24.49 -6.50 1.23
CA PHE A 50 24.81 -5.17 0.73
C PHE A 50 25.42 -4.25 1.79
N LEU A 51 26.37 -3.41 1.37
CA LEU A 51 26.82 -2.28 2.19
C LEU A 51 26.28 -0.99 1.59
N VAL A 52 25.41 -0.30 2.30
CA VAL A 52 24.72 0.86 1.75
C VAL A 52 25.19 2.13 2.45
N PRO A 53 25.66 3.13 1.68
CA PRO A 53 26.00 4.42 2.28
C PRO A 53 24.85 4.95 3.12
N GLU A 54 25.14 5.43 4.33
CA GLU A 54 24.10 5.57 5.35
C GLU A 54 23.02 6.62 5.06
N HIS A 55 23.32 7.56 4.18
CA HIS A 55 22.35 8.62 3.89
C HIS A 55 21.25 8.22 2.92
N ILE A 56 21.38 7.04 2.29
CA ILE A 56 20.45 6.63 1.23
C ILE A 56 19.11 6.27 1.84
N THR A 57 18.03 6.75 1.23
CA THR A 57 16.70 6.48 1.78
C THR A 57 16.13 5.19 1.22
N VAL A 58 15.06 4.68 1.84
CA VAL A 58 14.45 3.45 1.35
C VAL A 58 14.00 3.62 -0.11
N ALA A 59 13.39 4.76 -0.43
CA ALA A 59 12.96 5.04 -1.81
C ALA A 59 14.15 5.11 -2.79
N GLU A 60 15.26 5.68 -2.36
CA GLU A 60 16.46 5.72 -3.20
C GLU A 60 17.06 4.34 -3.40
N LEU A 61 17.04 3.53 -2.34
CA LEU A 61 17.55 2.17 -2.44
C LEU A 61 16.71 1.36 -3.42
N MET A 62 15.40 1.65 -3.47
CA MET A 62 14.54 0.95 -4.41
C MET A 62 14.92 1.30 -5.83
N SER A 63 15.37 2.54 -6.04
CA SER A 63 15.82 2.97 -7.36
C SER A 63 17.09 2.24 -7.76
N ILE A 64 18.01 2.10 -6.80
CA ILE A 64 19.23 1.34 -7.02
C ILE A 64 18.93 -0.13 -7.33
N VAL A 65 18.05 -0.76 -6.55
CA VAL A 65 17.75 -2.16 -6.80
C VAL A 65 16.98 -2.33 -8.12
N ARG A 66 16.06 -1.42 -8.40
CA ARG A 66 15.41 -1.39 -9.71
C ARG A 66 16.39 -1.44 -10.88
N ARG A 67 17.47 -0.66 -10.78
CA ARG A 67 18.46 -0.58 -11.85
C ARG A 67 19.17 -1.89 -12.02
N ARG A 68 19.56 -2.47 -10.89
CA ARG A 68 20.29 -3.71 -10.88
C ARG A 68 19.45 -4.86 -11.40
N LEU A 69 18.16 -4.87 -11.08
CA LEU A 69 17.25 -5.89 -11.61
C LEU A 69 16.82 -5.61 -13.05
N GLN A 70 17.18 -4.42 -13.54
CA GLN A 70 16.74 -3.90 -14.84
C GLN A 70 15.22 -3.92 -15.03
N LEU A 71 14.47 -3.53 -14.00
CA LEU A 71 13.01 -3.48 -14.10
C LEU A 71 12.56 -2.37 -15.06
N HIS A 72 11.42 -2.58 -15.71
CA HIS A 72 10.78 -1.50 -16.47
C HIS A 72 10.39 -0.39 -15.50
N PRO A 73 10.51 0.88 -15.93
CA PRO A 73 10.23 1.94 -14.96
C PRO A 73 8.77 1.95 -14.46
N GLN A 74 7.85 1.34 -15.21
CA GLN A 74 6.46 1.32 -14.78
C GLN A 74 6.08 0.02 -14.05
N GLN A 75 7.07 -0.82 -13.76
CA GLN A 75 6.83 -2.08 -13.04
C GLN A 75 6.54 -1.89 -11.56
N ALA A 76 5.57 -2.62 -11.03
CA ALA A 76 5.33 -2.62 -9.60
C ALA A 76 6.50 -3.27 -8.86
N PHE A 77 7.00 -2.59 -7.83
CA PHE A 77 8.16 -3.03 -7.05
C PHE A 77 8.09 -2.43 -5.66
N PHE A 78 8.13 -3.26 -4.63
CA PHE A 78 8.10 -2.77 -3.26
C PHE A 78 9.24 -3.37 -2.47
N LEU A 79 9.87 -2.56 -1.64
CA LEU A 79 10.93 -3.07 -0.78
C LEU A 79 10.39 -3.02 0.64
N LEU A 80 10.26 -4.19 1.27
CA LEU A 80 9.73 -4.27 2.64
C LEU A 80 10.85 -4.41 3.67
N VAL A 81 10.70 -3.77 4.83
CA VAL A 81 11.72 -3.83 5.88
C VAL A 81 11.13 -4.67 7.00
N ASN A 82 11.84 -5.73 7.37
CA ASN A 82 11.28 -6.77 8.24
C ASN A 82 9.91 -7.24 7.73
N GLU A 83 9.85 -7.48 6.41
CA GLU A 83 8.69 -8.04 5.71
C GLU A 83 7.42 -7.19 5.71
N ARG A 84 7.55 -5.93 6.09
CA ARG A 84 6.40 -5.04 6.08
C ARG A 84 6.73 -3.64 5.52
N SER A 85 5.69 -2.90 5.14
CA SER A 85 5.84 -1.56 4.61
C SER A 85 6.30 -0.57 5.68
N MET A 86 7.30 0.23 5.35
CA MET A 86 7.70 1.32 6.25
C MET A 86 6.62 2.41 6.22
N VAL A 87 6.48 3.13 7.32
CA VAL A 87 5.57 4.28 7.39
C VAL A 87 5.98 5.35 6.37
N SER A 88 7.28 5.53 6.19
CA SER A 88 7.76 6.45 5.19
C SER A 88 9.01 5.90 4.53
N ASN A 89 9.03 5.89 3.19
CA ASN A 89 10.20 5.41 2.48
C ASN A 89 11.23 6.53 2.30
N SER A 90 11.01 7.66 2.95
CA SER A 90 12.01 8.73 2.90
C SER A 90 13.01 8.65 4.08
N MET A 91 12.89 7.62 4.91
CA MET A 91 13.86 7.37 5.98
C MET A 91 15.21 6.93 5.43
N SER A 92 16.29 7.51 5.95
CA SER A 92 17.65 7.12 5.54
C SER A 92 18.07 5.82 6.21
N MET A 93 19.03 5.12 5.62
CA MET A 93 19.56 3.88 6.22
C MET A 93 20.03 4.12 7.66
N SER A 94 20.72 5.23 7.88
CA SER A 94 21.12 5.65 9.22
C SER A 94 19.99 5.66 10.22
N ASN A 95 18.94 6.39 9.87
CA ASN A 95 17.86 6.65 10.81
C ASN A 95 16.93 5.46 11.06
N LEU A 96 16.91 4.48 10.19
CA LEU A 96 16.06 3.33 10.46
C LEU A 96 16.86 2.20 11.09
N TYR A 97 18.18 2.34 11.07
CA TYR A 97 19.07 1.27 11.54
C TYR A 97 18.77 0.88 12.97
N SER A 98 18.74 1.86 13.89
CA SER A 98 18.58 1.53 15.30
C SER A 98 17.23 0.88 15.55
N GLN A 99 16.23 1.36 14.80
CA GLN A 99 14.85 0.92 14.90
C GLN A 99 14.62 -0.45 14.27
N GLU A 100 15.17 -0.66 13.09
CA GLU A 100 14.81 -1.82 12.30
C GLU A 100 15.88 -2.91 12.25
N ARG A 101 17.10 -2.62 12.67
CA ARG A 101 18.15 -3.63 12.64
C ARG A 101 17.77 -4.86 13.44
N ASP A 102 18.25 -5.99 12.95
CA ASP A 102 18.22 -7.25 13.67
C ASP A 102 19.26 -7.25 14.79
N PRO A 103 19.05 -8.07 15.83
CA PRO A 103 20.13 -8.24 16.81
C PRO A 103 21.46 -8.67 16.20
N ASP A 104 21.48 -9.29 15.02
CA ASP A 104 22.76 -9.71 14.46
C ASP A 104 23.49 -8.54 13.81
N GLY A 105 22.80 -7.41 13.64
CA GLY A 105 23.46 -6.21 13.13
C GLY A 105 23.12 -5.83 11.70
N PHE A 106 22.49 -6.75 10.97
CA PHE A 106 21.97 -6.49 9.62
C PHE A 106 20.59 -5.87 9.68
N VAL A 107 20.21 -5.09 8.66
CA VAL A 107 18.80 -4.78 8.43
C VAL A 107 18.31 -5.71 7.34
N TYR A 108 17.20 -6.41 7.57
CA TYR A 108 16.66 -7.37 6.60
C TYR A 108 15.54 -6.77 5.76
N MET A 109 15.71 -6.83 4.44
CA MET A 109 14.69 -6.34 3.52
C MET A 109 14.31 -7.43 2.51
N VAL A 110 13.06 -7.39 2.04
CA VAL A 110 12.62 -8.31 1.01
C VAL A 110 11.86 -7.52 -0.03
N TYR A 111 11.98 -7.90 -1.30
CA TYR A 111 11.24 -7.18 -2.33
C TYR A 111 10.17 -8.06 -2.98
N THR A 112 9.13 -7.40 -3.45
CA THR A 112 7.94 -8.08 -3.92
C THR A 112 7.27 -7.22 -4.98
N SER A 113 6.51 -7.84 -5.88
CA SER A 113 5.70 -7.12 -6.84
C SER A 113 4.25 -6.93 -6.37
N GLN A 114 3.92 -7.49 -5.19
CA GLN A 114 2.53 -7.49 -4.72
C GLN A 114 2.24 -6.35 -3.75
N PRO A 115 1.33 -5.44 -4.13
CA PRO A 115 0.91 -4.35 -3.22
C PRO A 115 0.20 -4.92 -1.99
N ALA A 116 0.02 -4.09 -0.95
CA ALA A 116 -0.60 -4.57 0.29
C ALA A 116 -1.95 -5.25 0.10
N PHE A 117 -2.74 -4.81 -0.88
CA PHE A 117 -4.06 -5.40 -1.10
C PHE A 117 -4.19 -5.84 -2.56
N GLY A 118 -3.04 -6.14 -3.16
CA GLY A 118 -2.98 -6.75 -4.48
C GLY A 118 -3.52 -5.91 -5.62
N GLY B 3 -0.25 -33.92 16.68
CA GLY B 3 0.83 -33.37 15.88
C GLY B 3 1.10 -31.89 16.12
N SER B 4 0.44 -31.32 17.12
CA SER B 4 0.64 -29.92 17.48
C SER B 4 1.93 -29.75 18.26
N PHE B 5 2.52 -28.56 18.19
CA PHE B 5 3.79 -28.25 18.85
C PHE B 5 3.81 -28.63 20.34
N LYS B 6 2.72 -28.36 21.05
CA LYS B 6 2.63 -28.66 22.48
C LYS B 6 2.71 -30.16 22.72
N GLU B 7 2.25 -30.92 21.74
CA GLU B 7 2.30 -32.39 21.79
C GLU B 7 3.69 -32.94 21.47
N ARG B 8 4.43 -32.21 20.65
CA ARG B 8 5.71 -32.68 20.14
C ARG B 8 6.86 -32.32 21.06
N ARG B 9 6.61 -31.38 21.97
CA ARG B 9 7.64 -30.87 22.89
C ARG B 9 7.04 -30.62 24.26
N PRO B 10 7.62 -31.22 25.31
CA PRO B 10 7.13 -31.04 26.69
C PRO B 10 7.35 -29.63 27.23
N PHE B 11 6.57 -29.28 28.25
CA PHE B 11 6.56 -27.93 28.81
C PHE B 11 7.95 -27.40 29.11
N HIS B 12 8.77 -28.17 29.83
CA HIS B 12 10.07 -27.67 30.24
C HIS B 12 10.99 -27.45 29.03
N GLU B 13 10.83 -28.26 28.00
CA GLU B 13 11.63 -28.12 26.79
C GLU B 13 11.23 -26.86 26.03
N ARG B 14 9.94 -26.56 26.06
CA ARG B 14 9.44 -25.33 25.46
C ARG B 14 9.98 -24.10 26.19
N GLN B 15 9.90 -24.14 27.52
CA GLN B 15 10.45 -23.03 28.30
C GLN B 15 11.95 -22.84 28.04
N LYS B 16 12.67 -23.94 27.94
CA LYS B 16 14.11 -23.88 27.71
C LYS B 16 14.41 -23.22 26.36
N ASP B 17 13.63 -23.59 25.34
CA ASP B 17 13.78 -23.01 24.02
C ASP B 17 13.58 -21.50 24.03
N VAL B 18 12.54 -21.05 24.72
CA VAL B 18 12.27 -19.61 24.87
C VAL B 18 13.40 -18.89 25.63
N GLU B 19 13.89 -19.52 26.66
CA GLU B 19 14.97 -18.92 27.43
C GLU B 19 16.26 -18.72 26.61
N GLU B 20 16.59 -19.74 25.83
CA GLU B 20 17.78 -19.70 25.02
C GLU B 20 17.63 -18.65 23.91
N ILE B 21 16.48 -18.57 23.27
CA ILE B 21 16.39 -17.63 22.17
C ILE B 21 16.33 -16.19 22.69
N ARG B 22 15.77 -15.99 23.88
CA ARG B 22 15.70 -14.62 24.39
C ARG B 22 17.06 -14.13 24.85
N SER B 23 17.97 -15.05 25.17
CA SER B 23 19.30 -14.64 25.59
C SER B 23 20.11 -14.23 24.37
N GLN B 24 19.76 -14.77 23.21
CA GLN B 24 20.46 -14.44 21.97
C GLN B 24 19.82 -13.28 21.22
N GLN B 25 18.49 -13.21 21.27
CA GLN B 25 17.74 -12.20 20.51
C GLN B 25 16.65 -11.62 21.40
N PRO B 26 17.05 -10.69 22.29
CA PRO B 26 16.15 -10.28 23.37
C PRO B 26 14.96 -9.46 22.88
N ASN B 27 15.03 -8.96 21.65
CA ASN B 27 13.95 -8.11 21.11
C ASN B 27 12.89 -8.90 20.32
N LYS B 28 13.02 -10.22 20.29
CA LYS B 28 12.14 -11.04 19.45
C LYS B 28 11.07 -11.72 20.29
N VAL B 29 9.86 -11.78 19.75
CA VAL B 29 8.75 -12.48 20.41
C VAL B 29 8.61 -13.88 19.80
N PRO B 30 8.69 -14.91 20.65
CA PRO B 30 8.52 -16.29 20.17
C PRO B 30 7.05 -16.63 20.01
N VAL B 31 6.67 -16.99 18.79
CA VAL B 31 5.28 -17.24 18.45
C VAL B 31 5.15 -18.58 17.75
N ILE B 32 4.18 -19.37 18.19
CA ILE B 32 3.83 -20.61 17.53
C ILE B 32 2.64 -20.32 16.62
N ILE B 33 2.77 -20.61 15.33
CA ILE B 33 1.66 -20.36 14.42
C ILE B 33 1.31 -21.66 13.70
N GLU B 34 0.09 -22.15 13.91
CA GLU B 34 -0.33 -23.44 13.34
C GLU B 34 -1.67 -23.31 12.64
N ARG B 35 -1.89 -24.15 11.65
CA ARG B 35 -3.20 -24.20 11.00
C ARG B 35 -4.21 -24.90 11.91
N PHE B 36 -5.43 -24.35 11.99
CA PHE B 36 -6.49 -25.01 12.77
C PHE B 36 -6.74 -26.42 12.24
N ASP B 37 -6.87 -27.41 13.13
CA ASP B 37 -6.91 -28.79 12.67
C ASP B 37 -8.01 -29.11 11.64
N GLY B 38 -9.19 -28.52 11.77
CA GLY B 38 -10.23 -28.82 10.80
C GLY B 38 -10.02 -28.22 9.42
N GLU B 39 -9.04 -27.32 9.30
CA GLU B 39 -8.96 -26.42 8.14
C GLU B 39 -8.54 -27.10 6.85
N ARG B 40 -9.31 -26.90 5.79
CA ARG B 40 -8.95 -27.49 4.51
C ARG B 40 -8.92 -26.48 3.36
N SER B 41 -8.97 -25.18 3.64
CA SER B 41 -8.96 -24.21 2.55
C SER B 41 -7.83 -23.19 2.61
N LEU B 42 -6.94 -23.33 3.60
CA LEU B 42 -5.75 -22.51 3.68
C LEU B 42 -4.51 -23.39 3.67
N PRO B 43 -3.38 -22.86 3.16
CA PRO B 43 -2.16 -23.66 3.06
C PRO B 43 -1.56 -24.02 4.41
N LEU B 44 -0.78 -25.10 4.44
CA LEU B 44 0.03 -25.44 5.59
C LEU B 44 1.35 -24.69 5.50
N MET B 45 1.97 -24.45 6.65
CA MET B 45 3.34 -23.99 6.67
C MET B 45 4.21 -25.10 7.24
N ASP B 46 5.42 -25.21 6.73
CA ASP B 46 6.33 -26.28 7.17
C ASP B 46 6.86 -26.07 8.56
N ARG B 47 6.98 -24.81 8.96
CA ARG B 47 7.44 -24.47 10.30
C ARG B 47 6.32 -23.83 11.10
N CYS B 48 6.35 -24.05 12.41
CA CYS B 48 5.35 -23.48 13.30
C CYS B 48 6.01 -22.55 14.31
N LYS B 49 7.34 -22.61 14.42
CA LYS B 49 8.08 -21.88 15.45
C LYS B 49 8.71 -20.61 14.89
N PHE B 50 8.14 -19.46 15.25
CA PHE B 50 8.50 -18.18 14.65
C PHE B 50 9.13 -17.18 15.63
N LEU B 51 10.02 -16.35 15.12
CA LEU B 51 10.50 -15.19 15.90
C LEU B 51 10.03 -13.90 15.24
N VAL B 52 9.42 -13.01 16.01
CA VAL B 52 8.86 -11.78 15.47
C VAL B 52 9.45 -10.58 16.20
N PRO B 53 10.00 -9.61 15.46
CA PRO B 53 10.52 -8.42 16.15
C PRO B 53 9.43 -7.76 16.99
N GLU B 54 9.76 -7.37 18.22
CA GLU B 54 8.74 -6.92 19.16
C GLU B 54 8.09 -5.60 18.73
N HIS B 55 8.75 -4.85 17.84
CA HIS B 55 8.25 -3.54 17.41
C HIS B 55 7.28 -3.63 16.25
N ILE B 56 7.21 -4.81 15.64
CA ILE B 56 6.22 -5.12 14.63
C ILE B 56 4.83 -5.14 15.28
N THR B 57 3.82 -4.62 14.58
CA THR B 57 2.44 -4.60 15.09
C THR B 57 1.69 -5.88 14.74
N VAL B 58 0.56 -6.08 15.39
CA VAL B 58 -0.24 -7.27 15.09
C VAL B 58 -0.74 -7.24 13.65
N ALA B 59 -1.18 -6.07 13.20
CA ALA B 59 -1.59 -5.87 11.81
C ALA B 59 -0.47 -6.24 10.86
N GLU B 60 0.74 -5.82 11.20
CA GLU B 60 1.88 -6.13 10.34
C GLU B 60 2.15 -7.64 10.33
N LEU B 61 2.12 -8.29 11.50
CA LEU B 61 2.29 -9.75 11.58
C LEU B 61 1.26 -10.45 10.72
N MET B 62 0.06 -10.01 10.85
CA MET B 62 -1.02 -10.54 10.05
C MET B 62 -0.76 -10.39 8.53
N SER B 63 -0.34 -9.21 8.11
CA SER B 63 -0.04 -8.99 6.71
C SER B 63 1.09 -9.89 6.24
N ILE B 64 2.07 -10.14 7.12
CA ILE B 64 3.23 -10.97 6.79
C ILE B 64 2.79 -12.43 6.62
N VAL B 65 1.94 -12.93 7.51
CA VAL B 65 1.52 -14.32 7.38
C VAL B 65 0.71 -14.52 6.08
N ARG B 66 -0.20 -13.59 5.78
CA ARG B 66 -0.91 -13.63 4.49
C ARG B 66 0.02 -13.68 3.27
N ARG B 67 1.05 -12.86 3.28
CA ARG B 67 2.01 -12.87 2.18
C ARG B 67 2.74 -14.20 2.09
N ARG B 68 3.16 -14.74 3.24
CA ARG B 68 3.89 -16.00 3.28
C ARG B 68 3.02 -17.13 2.75
N LEU B 69 1.72 -17.08 3.05
CA LEU B 69 0.80 -18.09 2.57
C LEU B 69 0.39 -17.83 1.12
N GLN B 70 0.81 -16.69 0.59
CA GLN B 70 0.41 -16.21 -0.74
C GLN B 70 -1.11 -16.18 -0.95
N LEU B 71 -1.85 -15.75 0.08
CA LEU B 71 -3.32 -15.67 -0.02
C LEU B 71 -3.75 -14.57 -0.98
N HIS B 72 -4.84 -14.83 -1.69
CA HIS B 72 -5.54 -13.76 -2.44
C HIS B 72 -5.95 -12.65 -1.46
N PRO B 73 -5.83 -11.38 -1.89
CA PRO B 73 -6.15 -10.24 -1.02
C PRO B 73 -7.56 -10.27 -0.47
N GLN B 74 -8.48 -10.90 -1.20
CA GLN B 74 -9.88 -10.87 -0.79
C GLN B 74 -10.28 -12.14 -0.04
N GLN B 75 -9.31 -13.00 0.26
CA GLN B 75 -9.58 -14.21 1.04
C GLN B 75 -9.83 -13.95 2.50
N ALA B 76 -10.79 -14.67 3.07
CA ALA B 76 -10.99 -14.71 4.52
C ALA B 76 -9.85 -15.43 5.23
N PHE B 77 -9.30 -14.80 6.27
CA PHE B 77 -8.18 -15.36 7.03
C PHE B 77 -8.19 -14.77 8.42
N PHE B 78 -8.23 -15.66 9.42
CA PHE B 78 -8.32 -15.23 10.81
C PHE B 78 -7.21 -15.87 11.60
N LEU B 79 -6.59 -15.06 12.45
CA LEU B 79 -5.52 -15.52 13.30
C LEU B 79 -6.04 -15.43 14.74
N LEU B 80 -6.21 -16.58 15.39
CA LEU B 80 -6.79 -16.65 16.72
C LEU B 80 -5.71 -16.78 17.79
N VAL B 81 -5.88 -16.08 18.91
CA VAL B 81 -4.89 -16.19 19.98
C VAL B 81 -5.64 -16.61 21.24
N ASN B 82 -5.18 -17.68 21.90
CA ASN B 82 -5.96 -18.32 22.94
C ASN B 82 -7.36 -18.53 22.35
N GLU B 83 -7.39 -19.11 21.16
CA GLU B 83 -8.57 -19.38 20.32
C GLU B 83 -9.61 -18.22 20.16
N ARG B 84 -9.20 -16.97 20.17
CA ARG B 84 -10.12 -15.85 20.01
C ARG B 84 -9.47 -15.01 18.93
N SER B 85 -10.31 -14.47 18.07
CA SER B 85 -9.82 -13.74 16.93
C SER B 85 -9.02 -12.46 17.09
N MET B 86 -7.84 -12.39 16.53
CA MET B 86 -7.08 -11.16 16.69
C MET B 86 -7.54 -10.09 15.70
N VAL B 87 -7.65 -8.87 16.21
CA VAL B 87 -7.89 -7.72 15.37
C VAL B 87 -6.55 -7.18 14.83
N SER B 88 -6.49 -6.86 13.55
CA SER B 88 -5.26 -6.28 13.00
C SER B 88 -5.16 -4.80 13.30
N ASN B 89 -4.59 -4.49 14.45
CA ASN B 89 -4.36 -3.09 14.80
C ASN B 89 -2.89 -2.84 15.13
N SER B 90 -2.63 -1.67 15.66
CA SER B 90 -1.27 -1.21 15.87
C SER B 90 -0.69 -1.69 17.18
N MET B 91 -1.35 -2.65 17.84
CA MET B 91 -0.76 -3.21 19.05
C MET B 91 0.62 -3.80 18.75
N SER B 92 1.60 -3.38 19.54
CA SER B 92 2.95 -3.92 19.40
C SER B 92 2.98 -5.40 19.69
N MET B 93 3.83 -6.15 18.98
CA MET B 93 3.96 -7.57 19.30
C MET B 93 4.48 -7.76 20.72
N SER B 94 5.24 -6.81 21.25
CA SER B 94 5.71 -6.93 22.64
C SER B 94 4.54 -6.84 23.60
N ASN B 95 3.57 -5.99 23.29
CA ASN B 95 2.42 -5.86 24.17
C ASN B 95 1.47 -7.04 24.03
N LEU B 96 1.38 -7.58 22.83
CA LEU B 96 0.60 -8.79 22.63
C LEU B 96 1.20 -9.92 23.45
N TYR B 97 2.54 -10.00 23.43
CA TYR B 97 3.27 -11.00 24.19
C TYR B 97 2.97 -10.91 25.68
N SER B 98 3.11 -9.70 26.22
CA SER B 98 2.87 -9.50 27.64
C SER B 98 1.43 -9.88 28.02
N GLN B 99 0.49 -9.65 27.11
CA GLN B 99 -0.92 -9.88 27.41
C GLN B 99 -1.40 -11.31 27.19
N GLU B 100 -0.84 -12.02 26.22
CA GLU B 100 -1.41 -13.30 25.80
C GLU B 100 -0.49 -14.52 25.94
N ARG B 101 0.75 -14.30 26.36
CA ARG B 101 1.71 -15.42 26.44
C ARG B 101 1.23 -16.59 27.31
N ASP B 102 1.68 -17.77 26.90
CA ASP B 102 1.51 -19.02 27.62
C ASP B 102 2.52 -19.08 28.78
N PRO B 103 2.23 -19.85 29.83
CA PRO B 103 3.26 -20.06 30.85
C PRO B 103 4.61 -20.56 30.35
N ASP B 104 4.65 -21.22 29.18
CA ASP B 104 5.92 -21.74 28.67
C ASP B 104 6.74 -20.65 27.97
N GLY B 105 6.16 -19.46 27.78
CA GLY B 105 6.92 -18.36 27.20
C GLY B 105 6.66 -18.08 25.72
N PHE B 106 5.87 -18.94 25.08
CA PHE B 106 5.41 -18.71 23.70
C PHE B 106 4.06 -18.03 23.70
N VAL B 107 3.73 -17.31 22.62
CA VAL B 107 2.33 -16.98 22.36
C VAL B 107 1.83 -17.93 21.28
N TYR B 108 0.65 -18.52 21.48
CA TYR B 108 0.12 -19.51 20.55
C TYR B 108 -0.98 -18.94 19.66
N MET B 109 -0.85 -19.14 18.34
CA MET B 109 -1.86 -18.67 17.41
C MET B 109 -2.26 -19.79 16.48
N VAL B 110 -3.53 -19.78 16.05
CA VAL B 110 -3.97 -20.74 15.05
C VAL B 110 -4.71 -19.99 13.98
N TYR B 111 -4.54 -20.40 12.73
CA TYR B 111 -5.27 -19.68 11.69
C TYR B 111 -6.35 -20.54 11.03
N THR B 112 -7.39 -19.88 10.58
CA THR B 112 -8.57 -20.55 10.05
C THR B 112 -9.22 -19.62 9.03
N SER B 113 -9.99 -20.18 8.10
CA SER B 113 -10.78 -19.39 7.18
C SER B 113 -12.23 -19.21 7.66
N GLN B 114 -12.56 -19.75 8.82
CA GLN B 114 -13.95 -19.73 9.29
C GLN B 114 -14.23 -18.58 10.27
N PRO B 115 -15.18 -17.69 9.92
CA PRO B 115 -15.56 -16.60 10.83
C PRO B 115 -16.28 -17.10 12.07
N ALA B 116 -16.41 -16.24 13.08
CA ALA B 116 -17.09 -16.61 14.32
C ALA B 116 -18.45 -17.29 14.13
N PHE B 117 -19.26 -16.82 13.18
CA PHE B 117 -20.59 -17.43 12.97
C PHE B 117 -20.78 -17.95 11.56
N GLY B 118 -19.68 -18.36 10.94
CA GLY B 118 -19.72 -18.87 9.57
C GLY B 118 -20.15 -17.79 8.60
N GLY C 3 -10.57 18.90 2.70
CA GLY C 3 -11.55 18.20 3.51
C GLY C 3 -11.75 16.73 3.13
N SER C 4 -11.09 16.29 2.07
CA SER C 4 -11.30 14.94 1.56
C SER C 4 -10.59 13.90 2.42
N PHE C 5 -11.12 12.67 2.42
CA PHE C 5 -10.55 11.59 3.22
C PHE C 5 -9.05 11.43 3.00
N LYS C 6 -8.59 11.52 1.75
CA LYS C 6 -7.16 11.34 1.47
C LYS C 6 -6.28 12.47 2.03
N GLU C 7 -6.90 13.60 2.35
CA GLU C 7 -6.21 14.71 3.00
C GLU C 7 -6.29 14.63 4.51
N ARG C 8 -7.29 13.93 5.02
CA ARG C 8 -7.52 13.81 6.46
C ARG C 8 -6.77 12.62 7.04
N ARG C 9 -6.34 11.70 6.17
CA ARG C 9 -5.64 10.48 6.57
C ARG C 9 -4.52 10.15 5.58
N PRO C 10 -3.26 10.06 6.06
CA PRO C 10 -2.13 9.74 5.19
C PRO C 10 -2.20 8.33 4.63
N PHE C 11 -1.55 8.10 3.49
CA PHE C 11 -1.59 6.80 2.81
C PHE C 11 -1.37 5.60 3.74
N HIS C 12 -0.31 5.62 4.54
CA HIS C 12 -0.02 4.45 5.37
C HIS C 12 -1.12 4.19 6.39
N GLU C 13 -1.74 5.26 6.86
CA GLU C 13 -2.83 5.14 7.82
C GLU C 13 -4.08 4.60 7.14
N ARG C 14 -4.31 4.99 5.89
CA ARG C 14 -5.44 4.45 5.15
C ARG C 14 -5.24 2.95 4.95
N GLN C 15 -4.03 2.53 4.62
CA GLN C 15 -3.76 1.08 4.48
C GLN C 15 -3.96 0.34 5.80
N LYS C 16 -3.57 0.96 6.90
CA LYS C 16 -3.77 0.33 8.20
C LYS C 16 -5.26 0.09 8.51
N ASP C 17 -6.09 1.08 8.15
CA ASP C 17 -7.54 0.99 8.33
C ASP C 17 -8.11 -0.22 7.59
N VAL C 18 -7.69 -0.39 6.34
CA VAL C 18 -8.13 -1.51 5.53
C VAL C 18 -7.57 -2.85 6.03
N GLU C 19 -6.34 -2.86 6.46
CA GLU C 19 -5.77 -4.08 6.99
C GLU C 19 -6.63 -4.52 8.20
N GLU C 20 -6.96 -3.53 9.00
CA GLU C 20 -7.77 -3.74 10.20
C GLU C 20 -9.15 -4.33 9.89
N ILE C 21 -9.88 -3.73 8.97
CA ILE C 21 -11.20 -4.20 8.62
C ILE C 21 -11.21 -5.58 7.95
N ARG C 22 -10.24 -5.86 7.10
CA ARG C 22 -10.11 -7.15 6.43
C ARG C 22 -9.98 -8.28 7.45
N SER C 23 -9.32 -8.01 8.57
CA SER C 23 -9.07 -9.05 9.56
C SER C 23 -10.33 -9.37 10.35
N GLN C 24 -11.30 -8.47 10.26
CA GLN C 24 -12.52 -8.55 11.05
C GLN C 24 -13.73 -8.92 10.18
N GLN C 25 -13.81 -8.30 9.01
CA GLN C 25 -14.96 -8.45 8.14
C GLN C 25 -14.50 -8.58 6.68
N PRO C 26 -13.87 -9.71 6.34
CA PRO C 26 -13.26 -9.88 5.02
C PRO C 26 -14.25 -9.85 3.85
N ASN C 27 -15.56 -10.02 4.09
CA ASN C 27 -16.51 -9.99 2.98
C ASN C 27 -17.18 -8.62 2.79
N LYS C 28 -16.69 -7.61 3.50
CA LYS C 28 -17.16 -6.23 3.28
C LYS C 28 -16.17 -5.47 2.41
N VAL C 29 -16.70 -4.60 1.55
CA VAL C 29 -15.87 -3.75 0.71
C VAL C 29 -15.73 -2.38 1.36
N PRO C 30 -14.49 -1.92 1.61
CA PRO C 30 -14.26 -0.58 2.18
C PRO C 30 -14.42 0.48 1.10
N VAL C 31 -15.41 1.35 1.29
CA VAL C 31 -15.73 2.35 0.29
C VAL C 31 -15.74 3.73 0.92
N ILE C 32 -15.06 4.65 0.26
CA ILE C 32 -15.17 6.05 0.62
C ILE C 32 -16.18 6.70 -0.29
N ILE C 33 -17.19 7.35 0.28
CA ILE C 33 -18.22 8.03 -0.51
C ILE C 33 -18.29 9.47 -0.05
N GLU C 34 -17.95 10.39 -0.95
CA GLU C 34 -17.86 11.79 -0.61
C GLU C 34 -18.63 12.63 -1.61
N ARG C 35 -19.01 13.83 -1.19
CA ARG C 35 -19.59 14.79 -2.13
C ARG C 35 -18.50 15.41 -3.01
N PHE C 36 -18.76 15.49 -4.32
CA PHE C 36 -17.79 16.04 -5.25
C PHE C 36 -17.39 17.46 -4.81
N ASP C 37 -16.11 17.79 -4.95
CA ASP C 37 -15.62 19.13 -4.61
C ASP C 37 -16.42 20.16 -5.36
N GLY C 38 -16.95 21.16 -4.65
CA GLY C 38 -17.65 22.24 -5.31
C GLY C 38 -19.11 21.95 -5.62
N GLU C 39 -19.57 20.74 -5.31
CA GLU C 39 -21.00 20.45 -5.40
C GLU C 39 -21.77 21.28 -4.35
N ARG C 40 -22.85 21.93 -4.79
CA ARG C 40 -23.58 22.83 -3.91
C ARG C 40 -25.01 22.35 -3.70
N SER C 41 -25.53 21.60 -4.67
CA SER C 41 -26.94 21.23 -4.66
C SER C 41 -27.27 20.09 -3.69
N LEU C 42 -26.47 19.04 -3.72
CA LEU C 42 -26.68 17.88 -2.87
C LEU C 42 -26.07 18.11 -1.50
N PRO C 43 -26.65 17.49 -0.47
CA PRO C 43 -26.18 17.68 0.91
C PRO C 43 -24.97 16.82 1.24
N LEU C 44 -24.30 17.14 2.32
CA LEU C 44 -23.27 16.28 2.88
C LEU C 44 -23.85 15.16 3.72
N MET C 45 -23.10 14.08 3.85
CA MET C 45 -23.36 13.10 4.90
C MET C 45 -22.35 13.27 6.03
N ASP C 46 -22.74 12.89 7.24
CA ASP C 46 -21.85 13.00 8.40
C ASP C 46 -20.65 12.06 8.33
N ARG C 47 -20.79 10.97 7.57
CA ARG C 47 -19.73 9.98 7.44
C ARG C 47 -19.35 9.81 5.98
N CYS C 48 -18.09 9.44 5.73
CA CYS C 48 -17.64 9.17 4.36
C CYS C 48 -17.05 7.77 4.23
N LYS C 49 -16.79 7.14 5.37
CA LYS C 49 -16.14 5.84 5.37
C LYS C 49 -17.12 4.71 5.60
N PHE C 50 -17.41 3.95 4.56
CA PHE C 50 -18.47 2.94 4.60
C PHE C 50 -17.96 1.52 4.39
N LEU C 51 -18.65 0.56 4.99
CA LEU C 51 -18.37 -0.86 4.74
C LEU C 51 -19.60 -1.42 4.06
N VAL C 52 -19.41 -2.03 2.88
CA VAL C 52 -20.55 -2.52 2.11
C VAL C 52 -20.43 -4.01 1.84
N PRO C 53 -21.47 -4.80 2.18
CA PRO C 53 -21.40 -6.24 1.90
C PRO C 53 -21.10 -6.46 0.43
N GLU C 54 -20.21 -7.41 0.12
CA GLU C 54 -19.65 -7.46 -1.23
C GLU C 54 -20.66 -7.99 -2.25
N HIS C 55 -21.80 -8.49 -1.76
CA HIS C 55 -22.79 -9.09 -2.65
C HIS C 55 -23.86 -8.09 -3.03
N ILE C 56 -23.77 -6.88 -2.47
CA ILE C 56 -24.63 -5.77 -2.86
C ILE C 56 -24.22 -5.31 -4.26
N THR C 57 -25.19 -4.96 -5.08
CA THR C 57 -24.87 -4.45 -6.42
C THR C 57 -24.65 -2.94 -6.44
N VAL C 58 -24.05 -2.43 -7.52
CA VAL C 58 -23.83 -0.99 -7.69
C VAL C 58 -25.15 -0.21 -7.66
N ALA C 59 -26.14 -0.70 -8.39
CA ALA C 59 -27.44 -0.04 -8.41
C ALA C 59 -28.05 -0.06 -7.02
N GLU C 60 -27.88 -1.15 -6.28
CA GLU C 60 -28.38 -1.21 -4.91
C GLU C 60 -27.68 -0.18 -4.02
N LEU C 61 -26.35 -0.05 -4.17
CA LEU C 61 -25.61 0.92 -3.38
C LEU C 61 -26.12 2.34 -3.67
N MET C 62 -26.35 2.66 -4.93
CA MET C 62 -26.90 3.96 -5.27
C MET C 62 -28.26 4.21 -4.61
N SER C 63 -29.12 3.20 -4.56
CA SER C 63 -30.41 3.34 -3.90
CA SER C 63 -30.41 3.34 -3.89
C SER C 63 -30.20 3.66 -2.42
N ILE C 64 -29.25 2.97 -1.81
CA ILE C 64 -28.95 3.16 -0.40
C ILE C 64 -28.43 4.57 -0.12
N VAL C 65 -27.55 5.05 -0.99
CA VAL C 65 -26.99 6.38 -0.82
C VAL C 65 -28.08 7.44 -0.99
N ARG C 66 -28.95 7.25 -1.98
CA ARG C 66 -30.06 8.19 -2.17
C ARG C 66 -30.93 8.26 -0.92
N ARG C 67 -31.18 7.10 -0.31
CA ARG C 67 -32.00 7.06 0.90
C ARG C 67 -31.31 7.78 2.05
N ARG C 68 -30.01 7.55 2.21
CA ARG C 68 -29.28 8.15 3.31
C ARG C 68 -29.20 9.68 3.14
N LEU C 69 -29.15 10.14 1.89
CA LEU C 69 -29.12 11.57 1.59
C LEU C 69 -30.53 12.15 1.65
N GLN C 70 -31.51 11.26 1.79
CA GLN C 70 -32.93 11.63 1.85
C GLN C 70 -33.36 12.46 0.63
N LEU C 71 -32.88 12.08 -0.55
CA LEU C 71 -33.21 12.77 -1.78
C LEU C 71 -34.63 12.49 -2.27
N HIS C 72 -35.25 13.52 -2.83
CA HIS C 72 -36.49 13.39 -3.58
C HIS C 72 -36.16 12.65 -4.88
N PRO C 73 -37.06 11.76 -5.33
CA PRO C 73 -36.81 10.99 -6.56
C PRO C 73 -36.37 11.84 -7.76
N GLN C 74 -36.82 13.08 -7.82
CA GLN C 74 -36.55 13.97 -8.95
C GLN C 74 -35.25 14.77 -8.83
N GLN C 75 -34.62 14.76 -7.65
CA GLN C 75 -33.32 15.41 -7.53
C GLN C 75 -32.22 14.68 -8.34
N ALA C 76 -31.43 15.45 -9.10
CA ALA C 76 -30.28 14.94 -9.85
C ALA C 76 -29.19 14.40 -8.93
N PHE C 77 -28.67 13.23 -9.29
CA PHE C 77 -27.69 12.51 -8.47
C PHE C 77 -26.96 11.49 -9.32
N PHE C 78 -25.63 11.63 -9.39
CA PHE C 78 -24.80 10.70 -10.12
C PHE C 78 -23.71 10.20 -9.18
N LEU C 79 -23.38 8.92 -9.27
CA LEU C 79 -22.31 8.37 -8.46
C LEU C 79 -21.15 7.92 -9.34
N LEU C 80 -19.98 8.50 -9.11
CA LEU C 80 -18.80 8.24 -9.92
C LEU C 80 -17.80 7.42 -9.12
N VAL C 81 -16.93 6.71 -9.84
CA VAL C 81 -15.86 5.96 -9.20
C VAL C 81 -14.54 6.44 -9.78
N ASN C 82 -13.57 6.74 -8.92
CA ASN C 82 -12.36 7.44 -9.35
C ASN C 82 -12.72 8.63 -10.26
N GLU C 83 -13.79 9.32 -9.88
CA GLU C 83 -14.25 10.56 -10.52
C GLU C 83 -14.73 10.38 -11.97
N ARG C 84 -14.99 9.15 -12.37
CA ARG C 84 -15.59 8.96 -13.69
C ARG C 84 -16.76 7.98 -13.65
N SER C 85 -17.47 7.88 -14.77
CA SER C 85 -18.68 7.05 -14.82
C SER C 85 -18.35 5.58 -14.63
N MET C 86 -19.28 4.84 -14.03
CA MET C 86 -19.07 3.42 -13.78
C MET C 86 -19.42 2.59 -15.01
N VAL C 87 -18.72 1.47 -15.19
CA VAL C 87 -18.85 0.66 -16.40
C VAL C 87 -20.21 -0.03 -16.49
N SER C 88 -20.77 -0.40 -15.34
CA SER C 88 -22.02 -1.13 -15.33
C SER C 88 -22.80 -0.84 -14.06
N ASN C 89 -24.13 -0.91 -14.17
CA ASN C 89 -25.00 -0.67 -13.04
C ASN C 89 -25.29 -1.96 -12.27
N SER C 90 -25.15 -3.08 -12.96
CA SER C 90 -25.60 -4.37 -12.44
C SER C 90 -24.52 -5.18 -11.71
N MET C 91 -23.26 -4.76 -11.79
CA MET C 91 -22.20 -5.54 -11.18
C MET C 91 -22.16 -5.42 -9.67
N SER C 92 -21.48 -6.37 -9.04
CA SER C 92 -21.39 -6.42 -7.59
C SER C 92 -20.32 -5.50 -7.06
N MET C 93 -20.42 -5.18 -5.78
CA MET C 93 -19.40 -4.40 -5.13
C MET C 93 -18.06 -5.12 -5.09
N SER C 94 -18.08 -6.45 -4.98
CA SER C 94 -16.81 -7.16 -5.01
C SER C 94 -16.17 -6.95 -6.39
N ASN C 95 -16.99 -6.96 -7.43
CA ASN C 95 -16.50 -6.72 -8.79
C ASN C 95 -15.93 -5.32 -8.94
N LEU C 96 -16.68 -4.32 -8.46
CA LEU C 96 -16.24 -2.93 -8.53
C LEU C 96 -14.90 -2.76 -7.84
N TYR C 97 -14.80 -3.40 -6.68
CA TYR C 97 -13.60 -3.34 -5.86
C TYR C 97 -12.43 -3.96 -6.59
N SER C 98 -12.69 -5.08 -7.27
CA SER C 98 -11.63 -5.76 -8.00
C SER C 98 -11.10 -4.91 -9.15
N GLN C 99 -11.97 -4.05 -9.69
CA GLN C 99 -11.62 -3.27 -10.88
C GLN C 99 -11.06 -1.88 -10.59
N GLU C 100 -11.51 -1.28 -9.50
CA GLU C 100 -11.30 0.16 -9.35
C GLU C 100 -10.66 0.54 -8.03
N ARG C 101 -10.34 -0.42 -7.18
CA ARG C 101 -9.80 -0.04 -5.87
C ARG C 101 -8.48 0.71 -5.98
N ASP C 102 -8.23 1.53 -4.97
CA ASP C 102 -7.04 2.35 -4.85
C ASP C 102 -5.94 1.48 -4.23
N PRO C 103 -4.67 1.80 -4.49
CA PRO C 103 -3.61 1.06 -3.80
C PRO C 103 -3.72 1.11 -2.26
N ASP C 104 -4.43 2.09 -1.71
CA ASP C 104 -4.51 2.17 -0.26
C ASP C 104 -5.55 1.17 0.28
N GLY C 105 -6.29 0.55 -0.63
CA GLY C 105 -7.22 -0.49 -0.22
C GLY C 105 -8.70 -0.08 -0.18
N PHE C 106 -8.97 1.20 -0.33
CA PHE C 106 -10.35 1.68 -0.43
C PHE C 106 -10.76 1.77 -1.89
N VAL C 107 -12.06 1.74 -2.17
CA VAL C 107 -12.52 2.21 -3.47
C VAL C 107 -13.15 3.61 -3.26
N TYR C 108 -12.83 4.55 -4.15
CA TYR C 108 -13.23 5.95 -3.97
C TYR C 108 -14.38 6.40 -4.86
N MET C 109 -15.47 6.83 -4.25
CA MET C 109 -16.65 7.29 -4.98
C MET C 109 -17.01 8.72 -4.61
N VAL C 110 -17.55 9.45 -5.56
CA VAL C 110 -18.04 10.81 -5.30
C VAL C 110 -19.41 10.95 -5.94
N TYR C 111 -20.29 11.71 -5.29
CA TYR C 111 -21.58 12.00 -5.88
C TYR C 111 -21.68 13.48 -6.28
N THR C 112 -22.44 13.72 -7.32
CA THR C 112 -22.57 15.04 -7.92
C THR C 112 -23.95 15.19 -8.55
N SER C 113 -24.41 16.42 -8.74
CA SER C 113 -25.67 16.64 -9.43
C SER C 113 -25.41 16.99 -10.90
N GLN C 114 -24.13 17.08 -11.26
CA GLN C 114 -23.73 17.46 -12.62
C GLN C 114 -23.60 16.23 -13.51
N PRO C 115 -24.39 16.19 -14.59
CA PRO C 115 -24.31 15.07 -15.53
C PRO C 115 -23.01 15.12 -16.33
N ALA C 116 -22.64 13.97 -16.89
CA ALA C 116 -21.53 13.92 -17.83
C ALA C 116 -21.82 14.84 -19.03
N GLY D 3 6.31 31.25 -11.16
CA GLY D 3 5.14 30.59 -10.57
C GLY D 3 4.96 29.14 -10.97
N SER D 4 5.59 28.72 -12.06
CA SER D 4 5.38 27.36 -12.57
C SER D 4 6.10 26.32 -11.70
N PHE D 5 5.55 25.11 -11.66
CA PHE D 5 6.11 24.02 -10.87
C PHE D 5 7.61 23.87 -11.08
N LYS D 6 8.07 23.94 -12.33
CA LYS D 6 9.49 23.75 -12.61
C LYS D 6 10.37 24.89 -12.08
N GLU D 7 9.77 26.05 -11.81
CA GLU D 7 10.56 27.11 -11.23
C GLU D 7 10.41 27.11 -9.70
N ARG D 8 9.37 26.46 -9.19
CA ARG D 8 9.14 26.37 -7.74
C ARG D 8 9.90 25.19 -7.11
N ARG D 9 10.29 24.22 -7.94
CA ARG D 9 11.02 23.03 -7.50
C ARG D 9 12.13 22.71 -8.50
N PRO D 10 13.39 22.62 -8.05
CA PRO D 10 14.53 22.31 -8.92
C PRO D 10 14.50 20.87 -9.42
N PHE D 11 15.23 20.59 -10.50
CA PHE D 11 15.17 19.30 -11.19
C PHE D 11 15.37 18.11 -10.27
N HIS D 12 16.42 18.14 -9.44
CA HIS D 12 16.72 16.98 -8.61
C HIS D 12 15.62 16.71 -7.58
N GLU D 13 14.97 17.78 -7.14
CA GLU D 13 13.86 17.71 -6.19
C GLU D 13 12.60 17.14 -6.85
N ARG D 14 12.39 17.48 -8.11
CA ARG D 14 11.25 16.93 -8.84
C ARG D 14 11.47 15.42 -9.03
N GLN D 15 12.69 15.01 -9.37
CA GLN D 15 12.98 13.58 -9.49
C GLN D 15 12.80 12.87 -8.14
N LYS D 16 13.21 13.54 -7.07
CA LYS D 16 13.07 12.97 -5.74
C LYS D 16 11.60 12.72 -5.42
N ASP D 17 10.75 13.67 -5.79
CA ASP D 17 9.31 13.54 -5.61
C ASP D 17 8.75 12.29 -6.31
N VAL D 18 9.15 12.10 -7.56
CA VAL D 18 8.64 10.98 -8.34
C VAL D 18 9.19 9.66 -7.80
N GLU D 19 10.44 9.69 -7.38
CA GLU D 19 11.05 8.54 -6.81
C GLU D 19 10.29 8.11 -5.54
N GLU D 20 9.89 9.07 -4.73
CA GLU D 20 9.19 8.78 -3.48
C GLU D 20 7.79 8.24 -3.76
N ILE D 21 7.06 8.88 -4.65
CA ILE D 21 5.71 8.40 -4.87
C ILE D 21 5.72 7.05 -5.59
N ARG D 22 6.74 6.79 -6.42
CA ARG D 22 6.81 5.51 -7.13
C ARG D 22 7.01 4.37 -6.15
N SER D 23 7.67 4.68 -5.03
CA SER D 23 7.97 3.67 -4.00
C SER D 23 6.72 3.26 -3.25
N GLN D 24 5.66 4.06 -3.38
CA GLN D 24 4.44 3.86 -2.64
C GLN D 24 3.30 3.40 -3.54
N GLN D 25 3.16 4.07 -4.68
CA GLN D 25 2.05 3.85 -5.61
C GLN D 25 2.58 3.82 -7.06
N PRO D 26 3.31 2.74 -7.39
CA PRO D 26 4.02 2.57 -8.68
C PRO D 26 3.08 2.54 -9.88
N ASN D 27 1.78 2.42 -9.63
CA ASN D 27 0.70 2.28 -10.59
CA ASN D 27 0.89 2.36 -10.79
C ASN D 27 -0.01 3.59 -10.92
N LYS D 28 0.37 4.67 -10.25
CA LYS D 28 -0.23 5.97 -10.52
C LYS D 28 0.72 6.79 -11.40
N VAL D 29 0.15 7.64 -12.25
CA VAL D 29 0.94 8.53 -13.10
C VAL D 29 1.08 9.90 -12.47
N PRO D 30 2.32 10.36 -12.26
CA PRO D 30 2.50 11.69 -11.70
C PRO D 30 2.37 12.76 -12.79
N VAL D 31 1.40 13.65 -12.61
CA VAL D 31 1.05 14.62 -13.64
C VAL D 31 1.04 16.02 -13.05
N ILE D 32 1.71 16.94 -13.72
CA ILE D 32 1.58 18.35 -13.39
C ILE D 32 0.54 18.96 -14.32
N ILE D 33 -0.48 19.61 -13.74
CA ILE D 33 -1.52 20.24 -14.53
C ILE D 33 -1.62 21.68 -14.09
N GLU D 34 -1.25 22.59 -14.99
CA GLU D 34 -1.22 24.02 -14.67
C GLU D 34 -2.01 24.84 -15.67
N ARG D 35 -2.37 26.05 -15.27
CA ARG D 35 -2.95 27.01 -16.20
C ARG D 35 -1.84 27.64 -17.05
N PHE D 36 -2.05 27.70 -18.37
CA PHE D 36 -1.04 28.25 -19.25
C PHE D 36 -0.66 29.66 -18.79
N ASP D 37 0.64 29.97 -18.85
CA ASP D 37 1.10 31.33 -18.56
C ASP D 37 0.31 32.36 -19.35
N GLY D 38 -0.29 33.30 -18.65
CA GLY D 38 -0.93 34.41 -19.32
C GLY D 38 -2.40 34.16 -19.64
N GLU D 39 -2.86 32.93 -19.45
CA GLU D 39 -4.30 32.64 -19.53
C GLU D 39 -5.04 33.42 -18.43
N ARG D 40 -6.14 34.08 -18.79
CA ARG D 40 -6.88 34.83 -17.78
C ARG D 40 -8.38 34.55 -17.75
N SER D 41 -8.86 33.76 -18.70
CA SER D 41 -10.28 33.41 -18.71
C SER D 41 -10.60 32.26 -17.76
N LEU D 42 -9.81 31.19 -17.86
CA LEU D 42 -10.01 30.00 -17.04
C LEU D 42 -9.45 30.22 -15.65
N PRO D 43 -10.09 29.62 -14.64
CA PRO D 43 -9.70 29.75 -13.24
C PRO D 43 -8.47 28.94 -12.91
N LEU D 44 -7.79 29.30 -11.83
CA LEU D 44 -6.74 28.48 -11.24
C LEU D 44 -7.33 27.36 -10.41
N MET D 45 -6.56 26.29 -10.25
CA MET D 45 -6.81 25.30 -9.20
C MET D 45 -5.81 25.50 -8.07
N ASP D 46 -6.21 25.09 -6.86
CA ASP D 46 -5.35 25.23 -5.70
C ASP D 46 -4.15 24.29 -5.72
N ARG D 47 -4.23 23.22 -6.50
CA ARG D 47 -3.13 22.28 -6.63
C ARG D 47 -2.74 22.09 -8.08
N CYS D 48 -1.47 21.80 -8.32
CA CYS D 48 -1.01 21.48 -9.67
C CYS D 48 -0.36 20.10 -9.74
N LYS D 49 -0.12 19.48 -8.59
CA LYS D 49 0.58 18.20 -8.60
C LYS D 49 -0.37 17.03 -8.35
N PHE D 50 -0.61 16.25 -9.40
CA PHE D 50 -1.63 15.20 -9.36
C PHE D 50 -1.10 13.78 -9.53
N LEU D 51 -1.80 12.84 -8.91
CA LEU D 51 -1.56 11.43 -9.11
C LEU D 51 -2.77 10.85 -9.78
N VAL D 52 -2.60 10.25 -10.93
CA VAL D 52 -3.72 9.76 -11.72
C VAL D 52 -3.59 8.27 -11.97
N PRO D 53 -4.63 7.49 -11.63
CA PRO D 53 -4.62 6.05 -11.92
C PRO D 53 -4.30 5.81 -13.38
N GLU D 54 -3.40 4.87 -13.67
CA GLU D 54 -2.85 4.75 -15.01
C GLU D 54 -3.86 4.21 -16.01
N HIS D 55 -4.98 3.66 -15.53
CA HIS D 55 -5.95 3.02 -16.41
C HIS D 55 -7.03 3.99 -16.88
N ILE D 56 -7.01 5.19 -16.33
CA ILE D 56 -7.88 6.26 -16.79
C ILE D 56 -7.39 6.75 -18.16
N THR D 57 -8.32 7.14 -19.03
CA THR D 57 -7.95 7.66 -20.35
C THR D 57 -7.74 9.18 -20.33
N VAL D 58 -7.03 9.69 -21.32
CA VAL D 58 -6.81 11.13 -21.46
C VAL D 58 -8.15 11.86 -21.53
N ALA D 59 -9.10 11.30 -22.28
CA ALA D 59 -10.44 11.91 -22.36
C ALA D 59 -11.11 11.94 -20.99
N GLU D 60 -10.98 10.86 -20.23
CA GLU D 60 -11.53 10.85 -18.88
C GLU D 60 -10.82 11.86 -17.99
N LEU D 61 -9.50 11.98 -18.13
CA LEU D 61 -8.76 12.97 -17.35
C LEU D 61 -9.28 14.38 -17.65
N MET D 62 -9.52 14.66 -18.92
CA MET D 62 -10.06 15.98 -19.29
C MET D 62 -11.43 16.24 -18.66
N SER D 63 -12.27 15.22 -18.57
CA SER D 63 -13.56 15.37 -17.93
C SER D 63 -13.40 15.70 -16.44
N ILE D 64 -12.48 14.99 -15.78
CA ILE D 64 -12.22 15.25 -14.37
C ILE D 64 -11.71 16.67 -14.12
N VAL D 65 -10.80 17.13 -14.98
CA VAL D 65 -10.27 18.48 -14.86
C VAL D 65 -11.37 19.53 -15.10
N ARG D 66 -12.21 19.32 -16.12
CA ARG D 66 -13.35 20.20 -16.34
C ARG D 66 -14.26 20.28 -15.10
N ARG D 67 -14.56 19.12 -14.52
CA ARG D 67 -15.37 19.08 -13.30
C ARG D 67 -14.70 19.80 -12.13
N ARG D 68 -13.39 19.60 -11.98
CA ARG D 68 -12.68 20.23 -10.88
C ARG D 68 -12.57 21.74 -11.06
N LEU D 69 -12.51 22.19 -12.31
CA LEU D 69 -12.47 23.62 -12.61
C LEU D 69 -13.86 24.22 -12.51
N GLN D 70 -14.84 23.33 -12.42
CA GLN D 70 -16.24 23.69 -12.33
C GLN D 70 -16.66 24.54 -13.52
N LEU D 71 -16.16 24.14 -14.69
CA LEU D 71 -16.45 24.85 -15.93
C LEU D 71 -17.87 24.64 -16.42
N HIS D 72 -18.44 25.70 -16.97
CA HIS D 72 -19.68 25.59 -17.73
C HIS D 72 -19.36 24.83 -19.01
N PRO D 73 -20.28 23.98 -19.47
CA PRO D 73 -20.03 23.19 -20.68
C PRO D 73 -19.62 24.04 -21.91
N GLN D 74 -19.96 25.32 -21.91
CA GLN D 74 -19.71 26.18 -23.05
C GLN D 74 -18.41 27.00 -22.93
N GLN D 75 -17.75 26.93 -21.78
CA GLN D 75 -16.45 27.59 -21.65
C GLN D 75 -15.39 26.91 -22.51
N ALA D 76 -14.62 27.71 -23.25
CA ALA D 76 -13.50 27.23 -24.04
C ALA D 76 -12.42 26.64 -23.14
N PHE D 77 -11.98 25.44 -23.48
CA PHE D 77 -11.01 24.73 -22.65
C PHE D 77 -10.24 23.71 -23.50
N PHE D 78 -8.92 23.82 -23.50
CA PHE D 78 -8.07 22.85 -24.18
C PHE D 78 -6.96 22.39 -23.23
N LEU D 79 -6.60 21.11 -23.31
CA LEU D 79 -5.53 20.57 -22.46
C LEU D 79 -4.36 20.13 -23.34
N LEU D 80 -3.20 20.74 -23.12
CA LEU D 80 -2.02 20.48 -23.96
C LEU D 80 -1.02 19.64 -23.19
N VAL D 81 -0.20 18.88 -23.90
CA VAL D 81 0.87 18.14 -23.24
C VAL D 81 2.20 18.64 -23.82
N ASN D 82 3.14 18.92 -22.94
CA ASN D 82 4.37 19.60 -23.34
C ASN D 82 4.06 20.82 -24.22
N GLU D 83 3.01 21.53 -23.80
CA GLU D 83 2.54 22.79 -24.40
C GLU D 83 2.07 22.71 -25.84
N ARG D 84 1.85 21.51 -26.34
CA ARG D 84 1.32 21.42 -27.68
C ARG D 84 0.10 20.52 -27.75
N SER D 85 -0.61 20.65 -28.87
CA SER D 85 -1.85 19.96 -29.07
C SER D 85 -1.65 18.47 -28.88
N MET D 86 -2.67 17.83 -28.33
CA MET D 86 -2.55 16.46 -27.90
C MET D 86 -2.64 15.42 -29.02
N VAL D 87 -1.71 14.46 -28.96
CA VAL D 87 -1.51 13.47 -30.03
C VAL D 87 -2.74 12.60 -30.26
N SER D 88 -3.38 12.17 -29.17
CA SER D 88 -4.65 11.46 -29.27
C SER D 88 -5.45 11.54 -27.99
N ASN D 89 -6.69 11.05 -28.05
CA ASN D 89 -7.60 11.17 -26.93
C ASN D 89 -8.46 9.90 -26.75
N SER D 90 -7.81 8.75 -26.81
CA SER D 90 -8.45 7.48 -26.48
C SER D 90 -7.47 6.69 -25.63
N MET D 91 -6.25 7.18 -25.58
CA MET D 91 -5.18 6.46 -24.93
C MET D 91 -5.24 6.57 -23.42
N SER D 92 -4.64 5.58 -22.78
CA SER D 92 -4.57 5.56 -21.32
C SER D 92 -3.50 6.52 -20.82
N MET D 93 -3.63 6.92 -19.57
CA MET D 93 -2.62 7.75 -18.95
C MET D 93 -1.28 7.03 -18.92
N SER D 94 -1.34 5.71 -18.74
CA SER D 94 -0.11 4.93 -18.76
CA SER D 94 -0.14 4.89 -18.78
C SER D 94 0.60 5.11 -20.10
N ASN D 95 -0.16 5.13 -21.18
CA ASN D 95 0.42 5.30 -22.51
C ASN D 95 0.92 6.73 -22.73
N LEU D 96 0.12 7.70 -22.30
CA LEU D 96 0.56 9.09 -22.34
C LEU D 96 1.90 9.27 -21.62
N TYR D 97 2.01 8.69 -20.43
CA TYR D 97 3.23 8.75 -19.63
C TYR D 97 4.39 8.12 -20.40
N SER D 98 4.14 7.01 -21.05
CA SER D 98 5.19 6.34 -21.81
C SER D 98 5.69 7.17 -22.99
N GLN D 99 4.83 8.05 -23.50
CA GLN D 99 5.14 8.78 -24.72
C GLN D 99 5.67 10.19 -24.47
N GLU D 100 5.22 10.81 -23.39
CA GLU D 100 5.45 12.25 -23.23
C GLU D 100 6.07 12.68 -21.92
N ARG D 101 6.48 11.75 -21.08
CA ARG D 101 6.96 12.18 -19.76
C ARG D 101 8.27 12.95 -19.89
N ASP D 102 8.50 13.80 -18.90
CA ASP D 102 9.69 14.62 -18.80
C ASP D 102 10.78 13.77 -18.15
N PRO D 103 12.06 14.10 -18.40
CA PRO D 103 13.12 13.36 -17.70
C PRO D 103 13.05 13.48 -16.17
N ASP D 104 12.31 14.44 -15.64
CA ASP D 104 12.23 14.53 -14.18
C ASP D 104 11.23 13.54 -13.61
N GLY D 105 10.49 12.87 -14.49
CA GLY D 105 9.56 11.84 -14.04
C GLY D 105 8.09 12.22 -14.07
N PHE D 106 7.80 13.50 -14.23
CA PHE D 106 6.42 13.98 -14.36
C PHE D 106 6.01 14.04 -15.82
N VAL D 107 4.71 14.01 -16.09
CA VAL D 107 4.24 14.45 -17.41
C VAL D 107 3.56 15.82 -17.22
N TYR D 108 3.86 16.74 -18.12
CA TYR D 108 3.48 18.16 -17.96
C TYR D 108 2.33 18.58 -18.86
N MET D 109 1.24 19.04 -18.23
CA MET D 109 0.05 19.48 -18.93
C MET D 109 -0.31 20.92 -18.57
N VAL D 110 -0.85 21.65 -19.54
CA VAL D 110 -1.32 23.01 -19.29
C VAL D 110 -2.66 23.20 -19.97
N TYR D 111 -3.57 23.93 -19.33
CA TYR D 111 -4.82 24.23 -19.98
C TYR D 111 -4.94 25.69 -20.39
N THR D 112 -5.68 25.91 -21.47
CA THR D 112 -5.79 27.21 -22.08
C THR D 112 -7.19 27.36 -22.68
N SER D 113 -7.65 28.60 -22.89
CA SER D 113 -8.93 28.78 -23.55
C SER D 113 -8.71 29.13 -25.02
N GLN D 114 -7.45 29.23 -25.40
CA GLN D 114 -7.08 29.57 -26.77
C GLN D 114 -6.83 28.32 -27.59
N PRO D 115 -7.54 28.20 -28.72
CA PRO D 115 -7.32 27.04 -29.58
C PRO D 115 -6.04 27.16 -30.38
N ALA D 116 -5.65 26.06 -31.01
CA ALA D 116 -4.54 26.09 -31.95
C ALA D 116 -4.76 27.17 -33.02
N TRP E 1 14.08 -21.87 14.33
CA TRP E 1 13.19 -20.72 14.28
C TRP E 1 13.05 -20.15 12.88
N GLU E 2 11.81 -19.84 12.48
CA GLU E 2 11.60 -19.07 11.28
C GLU E 2 11.55 -17.60 11.71
N GLU E 3 12.52 -16.81 11.27
CA GLU E 3 12.60 -15.41 11.71
C GLU E 3 11.89 -14.50 10.71
N LEU E 4 10.72 -13.98 11.09
CA LEU E 4 9.95 -13.15 10.19
C LEU E 4 10.52 -11.73 10.14
N TRP F 1 0.23 15.40 -2.66
CA TRP F 1 -0.32 15.00 -3.95
C TRP F 1 -1.83 15.12 -3.96
N GLU F 2 -2.39 15.71 -5.00
CA GLU F 2 -3.83 15.68 -5.20
C GLU F 2 -4.18 14.42 -5.98
N GLU F 3 -4.82 13.47 -5.33
CA GLU F 3 -5.05 12.18 -5.96
C GLU F 3 -6.41 12.17 -6.65
N LEU F 4 -6.40 12.05 -7.97
CA LEU F 4 -7.64 12.09 -8.75
C LEU F 4 -8.40 10.76 -8.67
N TRP G 1 -16.40 3.15 11.13
CA TRP G 1 -17.04 2.72 9.89
C TRP G 1 -18.55 2.84 9.96
N GLU G 2 -19.14 3.50 8.96
CA GLU G 2 -20.58 3.49 8.80
C GLU G 2 -20.96 2.30 7.93
N GLU G 3 -21.48 1.26 8.57
CA GLU G 3 -21.77 0.00 7.88
C GLU G 3 -23.16 0.00 7.24
N LEU G 4 -23.18 -0.17 5.92
CA LEU G 4 -24.45 -0.14 5.18
C LEU G 4 -25.17 -1.49 5.23
N TRP H 1 30.56 -9.08 0.08
CA TRP H 1 29.69 -7.91 0.18
C TRP H 1 29.47 -7.23 -1.16
N GLU H 2 28.22 -6.83 -1.40
CA GLU H 2 27.91 -6.01 -2.55
C GLU H 2 27.87 -4.54 -2.11
N GLU H 3 28.88 -3.78 -2.53
CA GLU H 3 29.05 -2.42 -2.03
C GLU H 3 28.45 -1.38 -2.96
N LEU H 4 27.33 -0.79 -2.55
CA LEU H 4 26.70 0.28 -3.32
C LEU H 4 27.49 1.58 -3.17
#